data_8U50
#
_entry.id   8U50
#
_cell.length_a   1.00
_cell.length_b   1.00
_cell.length_c   1.00
_cell.angle_alpha   90.00
_cell.angle_beta   90.00
_cell.angle_gamma   90.00
#
_symmetry.space_group_name_H-M   'P 1'
#
_entity_poly.entity_id   1
_entity_poly.type   'polypeptide(L)'
_entity_poly.pdbx_seq_one_letter_code
;MNNLHRELAPVSDAAWEQIEEEASRTLKRFLAARRVVDVSDPQGPAFSAVGTGHVTRLEGPGDSVGAVKRQSQPVVEFRV
PFILTRQAIDDVERGSQDSDWSPLKEAARKIAGAEDRAVFDGYAAAGIGGIRPQSSNSPLTLPVAASGYPDVIARALDQL
RVAGVNGPYHLVLGENAYTLITSGNEDGYPVLQHIHRLIDGEIVWAPAIEGGVLLSTRGGDFAMDIGQDISIGYLSHTAT
HVELYLQESFTFRTLTSEAVVSLLPSED
;
_entity_poly.pdbx_strand_id   A
#
# COMPACT_ATOMS: atom_id res chain seq x y z
N MET A 1 25.73 13.65 3.49
CA MET A 1 24.84 13.68 4.64
C MET A 1 23.48 14.24 4.26
N ASN A 2 22.44 13.46 4.54
CA ASN A 2 21.07 13.80 4.16
C ASN A 2 20.22 13.98 5.41
N ASN A 3 18.91 14.17 5.20
CA ASN A 3 18.00 14.39 6.32
C ASN A 3 17.88 13.19 7.23
N LEU A 4 18.17 11.99 6.73
CA LEU A 4 18.26 10.80 7.57
C LEU A 4 19.65 10.79 8.17
N HIS A 5 19.79 11.39 9.36
CA HIS A 5 21.09 11.56 9.99
C HIS A 5 21.55 10.22 10.57
N ARG A 6 21.85 9.30 9.65
CA ARG A 6 22.21 7.94 10.04
C ARG A 6 23.56 7.88 10.73
N GLU A 7 24.53 8.66 10.26
CA GLU A 7 25.88 8.60 10.82
C GLU A 7 25.92 9.10 12.27
N LEU A 8 24.96 9.95 12.65
CA LEU A 8 24.89 10.43 14.02
C LEU A 8 24.33 9.39 14.99
N ALA A 9 23.74 8.32 14.47
CA ALA A 9 23.19 7.28 15.33
C ALA A 9 24.32 6.41 15.90
N PRO A 10 24.31 6.11 17.19
CA PRO A 10 25.30 5.18 17.76
C PRO A 10 24.99 3.73 17.40
N VAL A 11 25.04 3.43 16.10
CA VAL A 11 24.73 2.11 15.56
C VAL A 11 25.89 1.66 14.69
N SER A 12 26.40 0.47 14.94
CA SER A 12 27.49 -0.07 14.15
C SER A 12 27.00 -0.52 12.77
N ASP A 13 27.97 -0.77 11.88
CA ASP A 13 27.64 -1.16 10.51
C ASP A 13 26.93 -2.50 10.45
N ALA A 14 27.37 -3.46 11.25
CA ALA A 14 26.72 -4.77 11.27
C ALA A 14 25.28 -4.66 11.76
N ALA A 15 25.05 -3.86 12.81
CA ALA A 15 23.70 -3.65 13.30
C ALA A 15 22.84 -2.97 12.24
N TRP A 16 23.41 -1.98 11.54
CA TRP A 16 22.67 -1.33 10.47
C TRP A 16 22.28 -2.31 9.38
N GLU A 17 23.20 -3.20 8.99
CA GLU A 17 22.91 -4.17 7.94
C GLU A 17 21.81 -5.13 8.38
N GLN A 18 21.88 -5.62 9.62
CA GLN A 18 20.85 -6.53 10.11
C GLN A 18 19.49 -5.82 10.19
N ILE A 19 19.48 -4.57 10.65
CA ILE A 19 18.22 -3.82 10.74
C ILE A 19 17.62 -3.61 9.36
N GLU A 20 18.46 -3.25 8.38
CA GLU A 20 17.96 -3.06 7.02
C GLU A 20 17.41 -4.35 6.43
N GLU A 21 18.09 -5.47 6.67
CA GLU A 21 17.61 -6.75 6.16
C GLU A 21 16.25 -7.10 6.77
N GLU A 22 16.12 -6.93 8.09
CA GLU A 22 14.85 -7.23 8.75
C GLU A 22 13.74 -6.33 8.24
N ALA A 23 14.02 -5.03 8.09
CA ALA A 23 13.02 -4.10 7.60
C ALA A 23 12.57 -4.45 6.20
N SER A 24 13.52 -4.77 5.31
CA SER A 24 13.17 -5.15 3.95
C SER A 24 12.30 -6.40 3.92
N ARG A 25 12.67 -7.42 4.71
CA ARG A 25 11.88 -8.65 4.75
C ARG A 25 10.46 -8.38 5.22
N THR A 26 10.32 -7.67 6.34
CA THR A 26 8.99 -7.41 6.89
C THR A 26 8.16 -6.55 5.94
N LEU A 27 8.78 -5.57 5.30
CA LEU A 27 8.06 -4.71 4.37
C LEU A 27 7.58 -5.47 3.15
N LYS A 28 8.44 -6.32 2.58
CA LYS A 28 7.97 -7.14 1.46
C LYS A 28 6.86 -8.09 1.88
N ARG A 29 6.91 -8.58 3.11
CA ARG A 29 5.83 -9.45 3.57
C ARG A 29 4.52 -8.70 3.74
N PHE A 30 4.56 -7.46 4.23
CA PHE A 30 3.33 -6.77 4.60
C PHE A 30 2.77 -5.83 3.53
N LEU A 31 3.56 -5.47 2.52
CA LEU A 31 3.09 -4.52 1.50
C LEU A 31 2.29 -5.26 0.44
N ALA A 32 1.07 -4.78 0.19
CA ALA A 32 0.14 -5.45 -0.72
C ALA A 32 -0.25 -4.60 -1.93
N ALA A 33 -0.44 -3.29 -1.75
CA ALA A 33 -0.92 -2.46 -2.85
C ALA A 33 0.11 -2.38 -3.99
N ARG A 34 1.40 -2.36 -3.65
CA ARG A 34 2.46 -2.29 -4.64
C ARG A 34 2.46 -3.50 -5.59
N ARG A 35 1.81 -4.59 -5.20
CA ARG A 35 1.73 -5.77 -6.06
C ARG A 35 0.70 -5.60 -7.17
N VAL A 36 -0.26 -4.69 -7.02
CA VAL A 36 -1.36 -4.55 -7.98
C VAL A 36 -1.44 -3.17 -8.60
N VAL A 37 -0.74 -2.18 -8.07
CA VAL A 37 -0.78 -0.82 -8.63
C VAL A 37 0.54 -0.52 -9.31
N ASP A 38 0.51 0.42 -10.24
CA ASP A 38 1.72 0.86 -10.95
C ASP A 38 2.55 1.73 -10.01
N VAL A 39 3.74 1.26 -9.65
CA VAL A 39 4.64 1.97 -8.77
C VAL A 39 5.80 2.51 -9.58
N SER A 40 6.02 3.82 -9.51
CA SER A 40 7.08 4.48 -10.25
C SER A 40 8.40 4.41 -9.48
N ASP A 41 9.48 4.71 -10.19
CA ASP A 41 10.77 4.84 -9.54
C ASP A 41 10.75 6.07 -8.64
N PRO A 42 11.55 6.06 -7.56
CA PRO A 42 11.57 7.21 -6.65
C PRO A 42 11.96 8.49 -7.37
N GLN A 43 11.28 9.57 -7.04
CA GLN A 43 11.47 10.86 -7.71
C GLN A 43 12.46 11.76 -7.00
N GLY A 44 12.70 11.56 -5.71
CA GLY A 44 13.65 12.36 -4.98
C GLY A 44 13.01 13.14 -3.85
N PRO A 45 13.84 13.74 -3.00
CA PRO A 45 13.30 14.51 -1.86
C PRO A 45 12.60 15.79 -2.26
N ALA A 46 12.82 16.30 -3.46
CA ALA A 46 12.21 17.56 -3.90
C ALA A 46 10.89 17.36 -4.62
N PHE A 47 10.42 16.12 -4.75
CA PHE A 47 9.15 15.83 -5.42
C PHE A 47 8.01 16.21 -4.49
N SER A 48 7.21 17.20 -4.90
CA SER A 48 6.19 17.77 -4.03
C SER A 48 4.76 17.62 -4.53
N ALA A 49 4.53 17.61 -5.83
CA ALA A 49 3.16 17.49 -6.33
C ALA A 49 3.18 16.84 -7.71
N VAL A 50 2.04 16.29 -8.09
CA VAL A 50 1.85 15.75 -9.44
C VAL A 50 0.65 16.45 -10.07
N GLY A 51 0.86 16.99 -11.26
CA GLY A 51 -0.21 17.74 -11.92
C GLY A 51 -1.25 16.80 -12.51
N THR A 52 -2.52 17.17 -12.33
CA THR A 52 -3.63 16.35 -12.84
C THR A 52 -4.03 16.71 -14.26
N GLY A 53 -3.55 17.82 -14.79
CA GLY A 53 -3.91 18.26 -16.12
C GLY A 53 -5.16 19.08 -16.23
N HIS A 54 -5.87 19.31 -15.12
CA HIS A 54 -7.10 20.08 -15.12
C HIS A 54 -6.86 21.49 -14.59
N VAL A 55 -7.84 22.36 -14.84
CA VAL A 55 -7.74 23.78 -14.49
C VAL A 55 -8.99 24.22 -13.76
N THR A 56 -8.86 25.33 -13.05
CA THR A 56 -9.97 25.95 -12.33
C THR A 56 -10.06 27.41 -12.75
N ARG A 57 -11.26 27.84 -13.15
CA ARG A 57 -11.46 29.22 -13.58
C ARG A 57 -11.32 30.17 -12.39
N LEU A 58 -10.56 31.25 -12.58
CA LEU A 58 -10.36 32.26 -11.55
C LEU A 58 -11.04 33.56 -11.97
N GLU A 59 -11.20 34.45 -10.99
CA GLU A 59 -11.61 35.81 -11.29
C GLU A 59 -10.47 36.53 -11.99
N GLY A 60 -10.79 37.22 -13.09
CA GLY A 60 -9.80 37.79 -13.96
C GLY A 60 -8.94 38.85 -13.28
N PRO A 61 -7.68 38.94 -13.70
CA PRO A 61 -6.81 40.00 -13.17
C PRO A 61 -7.29 41.40 -13.49
N GLY A 62 -8.06 41.57 -14.56
CA GLY A 62 -8.48 42.89 -14.96
C GLY A 62 -9.20 42.96 -16.29
N ASP A 63 -8.77 43.87 -17.16
CA ASP A 63 -9.48 44.19 -18.39
C ASP A 63 -9.34 43.05 -19.40
N SER A 64 -10.40 42.24 -19.50
CA SER A 64 -10.54 41.20 -20.52
C SER A 64 -9.42 40.16 -20.48
N VAL A 65 -8.80 39.96 -19.33
CA VAL A 65 -7.79 38.93 -19.15
C VAL A 65 -8.41 37.79 -18.35
N GLY A 66 -8.41 36.60 -18.93
CA GLY A 66 -8.93 35.41 -18.28
C GLY A 66 -7.82 34.63 -17.62
N ALA A 67 -8.14 33.97 -16.51
CA ALA A 67 -7.16 33.25 -15.71
C ALA A 67 -7.71 31.88 -15.31
N VAL A 68 -6.86 30.86 -15.45
CA VAL A 68 -7.15 29.52 -14.96
C VAL A 68 -5.95 29.03 -14.17
N LYS A 69 -6.22 28.30 -13.09
CA LYS A 69 -5.20 27.77 -12.20
C LYS A 69 -5.06 26.28 -12.42
N ARG A 70 -3.82 25.81 -12.59
CA ARG A 70 -3.57 24.39 -12.78
C ARG A 70 -3.82 23.63 -11.48
N GLN A 71 -4.28 22.39 -11.60
CA GLN A 71 -4.58 21.56 -10.43
C GLN A 71 -3.55 20.45 -10.29
N SER A 72 -3.17 20.18 -9.04
CA SER A 72 -2.20 19.14 -8.76
C SER A 72 -2.56 18.48 -7.43
N GLN A 73 -2.05 17.27 -7.25
CA GLN A 73 -2.19 16.51 -6.02
C GLN A 73 -0.89 16.57 -5.25
N PRO A 74 -0.90 16.99 -3.99
CA PRO A 74 0.34 17.05 -3.22
C PRO A 74 0.80 15.68 -2.76
N VAL A 75 2.07 15.62 -2.42
CA VAL A 75 2.70 14.41 -1.91
C VAL A 75 2.64 14.42 -0.39
N VAL A 76 2.32 13.27 0.21
CA VAL A 76 2.23 13.15 1.65
C VAL A 76 3.41 12.31 2.15
N GLU A 77 3.90 12.66 3.34
CA GLU A 77 5.00 11.97 3.97
C GLU A 77 4.49 11.26 5.22
N PHE A 78 4.84 9.99 5.36
CA PHE A 78 4.48 9.18 6.52
C PHE A 78 5.74 8.85 7.31
N ARG A 79 5.68 9.06 8.63
CA ARG A 79 6.79 8.77 9.51
C ARG A 79 6.28 8.01 10.73
N VAL A 80 6.95 6.90 11.07
CA VAL A 80 6.60 6.09 12.21
C VAL A 80 7.85 5.87 13.05
N PRO A 81 7.90 6.33 14.30
CA PRO A 81 9.09 6.14 15.12
C PRO A 81 9.05 4.87 15.95
N PHE A 82 10.25 4.37 16.27
CA PHE A 82 10.43 3.21 17.12
C PHE A 82 11.73 3.36 17.91
N ILE A 83 11.86 2.57 18.97
CA ILE A 83 12.97 2.66 19.91
C ILE A 83 13.64 1.31 20.03
N LEU A 84 14.97 1.29 19.99
CA LEU A 84 15.78 0.10 20.23
C LEU A 84 16.57 0.29 21.53
N THR A 85 16.95 -0.84 22.13
CA THR A 85 17.49 -0.85 23.49
C THR A 85 19.01 -0.72 23.55
N ARG A 86 19.69 -0.63 22.40
CA ARG A 86 21.14 -0.44 22.30
C ARG A 86 21.90 -1.68 22.73
N GLN A 87 21.24 -2.60 23.43
CA GLN A 87 21.87 -3.85 23.80
C GLN A 87 21.92 -4.81 22.63
N ALA A 88 20.85 -4.87 21.85
CA ALA A 88 20.88 -5.64 20.60
C ALA A 88 21.91 -5.05 19.64
N ILE A 89 21.99 -3.72 19.56
CA ILE A 89 22.93 -3.08 18.66
C ILE A 89 24.36 -3.42 19.07
N ASP A 90 24.66 -3.38 20.37
CA ASP A 90 26.00 -3.73 20.83
C ASP A 90 26.28 -5.22 20.67
N ASP A 91 25.25 -6.07 20.80
CA ASP A 91 25.45 -7.51 20.71
C ASP A 91 25.65 -7.99 19.28
N VAL A 92 25.14 -7.24 18.29
CA VAL A 92 25.34 -7.64 16.90
C VAL A 92 26.82 -7.79 16.58
N GLU A 93 27.64 -6.83 17.00
CA GLU A 93 29.07 -6.92 16.74
C GLU A 93 29.74 -7.99 17.59
N ARG A 94 29.22 -8.24 18.79
CA ARG A 94 29.71 -9.35 19.61
C ARG A 94 29.30 -10.71 19.06
N GLY A 95 28.44 -10.75 18.06
CA GLY A 95 28.11 -11.97 17.38
C GLY A 95 26.69 -12.46 17.54
N SER A 96 25.79 -11.63 18.07
CA SER A 96 24.42 -12.06 18.29
C SER A 96 23.71 -12.29 16.97
N GLN A 97 22.91 -13.36 16.92
CA GLN A 97 22.09 -13.69 15.77
C GLN A 97 20.61 -13.63 16.08
N ASP A 98 20.22 -13.34 17.32
CA ASP A 98 18.83 -13.27 17.74
C ASP A 98 18.55 -11.94 18.45
N SER A 99 19.04 -10.86 17.88
CA SER A 99 18.78 -9.54 18.43
C SER A 99 17.31 -9.16 18.26
N ASP A 100 16.79 -8.42 19.23
CA ASP A 100 15.37 -8.10 19.29
C ASP A 100 15.08 -6.90 18.37
N TRP A 101 14.42 -7.16 17.24
CA TRP A 101 13.98 -6.12 16.32
C TRP A 101 12.46 -5.99 16.31
N SER A 102 11.81 -6.38 17.40
CA SER A 102 10.35 -6.28 17.48
C SER A 102 9.81 -4.87 17.30
N PRO A 103 10.39 -3.82 17.91
CA PRO A 103 9.91 -2.46 17.60
C PRO A 103 10.00 -2.10 16.13
N LEU A 104 11.08 -2.53 15.47
CA LEU A 104 11.23 -2.26 14.05
C LEU A 104 10.16 -2.99 13.24
N LYS A 105 9.87 -4.24 13.61
CA LYS A 105 8.83 -4.99 12.90
C LYS A 105 7.46 -4.37 13.12
N GLU A 106 7.18 -3.90 14.33
CA GLU A 106 5.91 -3.22 14.59
C GLU A 106 5.79 -1.93 13.81
N ALA A 107 6.88 -1.15 13.73
CA ALA A 107 6.85 0.08 12.95
C ALA A 107 6.63 -0.21 11.47
N ALA A 108 7.29 -1.26 10.96
CA ALA A 108 7.09 -1.64 9.56
C ALA A 108 5.64 -2.05 9.32
N ARG A 109 5.05 -2.82 10.23
CA ARG A 109 3.65 -3.19 10.09
C ARG A 109 2.75 -1.96 10.08
N LYS A 110 3.00 -1.02 10.99
CA LYS A 110 2.17 0.18 11.06
C LYS A 110 2.27 1.00 9.78
N ILE A 111 3.48 1.22 9.28
CA ILE A 111 3.63 2.07 8.10
C ILE A 111 3.06 1.38 6.86
N ALA A 112 3.24 0.06 6.75
CA ALA A 112 2.66 -0.67 5.62
C ALA A 112 1.14 -0.63 5.68
N GLY A 113 0.57 -0.80 6.87
CA GLY A 113 -0.88 -0.71 6.99
C GLY A 113 -1.41 0.66 6.65
N ALA A 114 -0.70 1.72 7.08
CA ALA A 114 -1.12 3.07 6.75
C ALA A 114 -1.09 3.31 5.24
N GLU A 115 -0.01 2.87 4.59
CA GLU A 115 0.09 3.03 3.14
C GLU A 115 -1.01 2.26 2.42
N ASP A 116 -1.25 1.02 2.82
CA ASP A 116 -2.27 0.21 2.17
C ASP A 116 -3.66 0.79 2.37
N ARG A 117 -3.96 1.26 3.58
CA ARG A 117 -5.26 1.87 3.83
C ARG A 117 -5.44 3.16 3.04
N ALA A 118 -4.39 3.96 2.93
CA ALA A 118 -4.47 5.18 2.13
C ALA A 118 -4.73 4.85 0.66
N VAL A 119 -4.06 3.81 0.14
CA VAL A 119 -4.23 3.47 -1.27
C VAL A 119 -5.61 2.88 -1.54
N PHE A 120 -6.08 1.99 -0.67
CA PHE A 120 -7.33 1.27 -0.93
C PHE A 120 -8.56 2.06 -0.47
N ASP A 121 -8.61 2.43 0.80
CA ASP A 121 -9.78 3.09 1.35
C ASP A 121 -9.68 4.62 1.31
N GLY A 122 -8.53 5.16 0.96
CA GLY A 122 -8.41 6.61 0.83
C GLY A 122 -7.98 7.28 2.11
N TYR A 123 -7.34 8.44 1.95
CA TYR A 123 -6.90 9.29 3.05
C TYR A 123 -7.31 10.71 2.72
N ALA A 124 -8.38 11.19 3.37
CA ALA A 124 -8.99 12.45 2.99
C ALA A 124 -8.06 13.64 3.23
N ALA A 125 -7.30 13.62 4.33
CA ALA A 125 -6.46 14.76 4.67
C ALA A 125 -5.39 15.01 3.62
N ALA A 126 -4.83 13.94 3.04
CA ALA A 126 -3.80 14.08 2.01
C ALA A 126 -4.39 14.24 0.62
N GLY A 127 -5.71 14.20 0.47
CA GLY A 127 -6.32 14.31 -0.84
C GLY A 127 -6.33 13.05 -1.66
N ILE A 128 -6.13 11.89 -1.03
CA ILE A 128 -6.12 10.62 -1.74
C ILE A 128 -7.52 10.03 -1.72
N GLY A 129 -8.11 9.86 -2.90
CA GLY A 129 -9.47 9.35 -2.97
C GLY A 129 -9.59 7.90 -2.53
N GLY A 130 -8.68 7.05 -2.98
CA GLY A 130 -8.73 5.64 -2.65
C GLY A 130 -9.29 4.81 -3.80
N ILE A 131 -8.83 3.57 -3.89
CA ILE A 131 -9.24 2.69 -4.99
C ILE A 131 -10.71 2.32 -4.86
N ARG A 132 -11.13 1.91 -3.67
CA ARG A 132 -12.48 1.38 -3.49
C ARG A 132 -13.55 2.45 -3.48
N PRO A 133 -13.43 3.52 -2.66
CA PRO A 133 -14.50 4.53 -2.66
C PRO A 133 -14.65 5.28 -3.97
N GLN A 134 -13.63 5.27 -4.83
CA GLN A 134 -13.67 5.95 -6.11
C GLN A 134 -13.95 5.01 -7.26
N SER A 135 -14.75 3.97 -7.03
CA SER A 135 -15.08 2.99 -8.05
C SER A 135 -16.48 3.27 -8.58
N SER A 136 -16.62 3.28 -9.91
CA SER A 136 -17.91 3.53 -10.53
C SER A 136 -18.77 2.27 -10.64
N ASN A 137 -18.19 1.10 -10.44
CA ASN A 137 -18.95 -0.14 -10.49
C ASN A 137 -19.68 -0.37 -9.18
N SER A 138 -20.70 -1.23 -9.23
CA SER A 138 -21.48 -1.53 -8.04
C SER A 138 -20.72 -2.51 -7.15
N PRO A 139 -20.54 -2.20 -5.87
CA PRO A 139 -19.82 -3.12 -4.99
C PRO A 139 -20.58 -4.41 -4.76
N LEU A 140 -19.82 -5.48 -4.53
CA LEU A 140 -20.38 -6.81 -4.33
C LEU A 140 -20.01 -7.32 -2.95
N THR A 141 -20.96 -7.96 -2.27
CA THR A 141 -20.74 -8.45 -0.91
C THR A 141 -20.26 -9.89 -0.95
N LEU A 142 -19.22 -10.18 -0.18
CA LEU A 142 -18.67 -11.53 -0.14
C LEU A 142 -19.58 -12.45 0.66
N PRO A 143 -19.66 -13.72 0.31
CA PRO A 143 -20.50 -14.65 1.07
C PRO A 143 -19.79 -15.18 2.31
N VAL A 144 -20.58 -15.69 3.24
CA VAL A 144 -20.04 -16.23 4.48
C VAL A 144 -19.27 -17.52 4.22
N ALA A 145 -19.76 -18.35 3.29
CA ALA A 145 -19.14 -19.63 2.98
C ALA A 145 -18.27 -19.51 1.74
N ALA A 146 -17.17 -20.26 1.73
CA ALA A 146 -16.23 -20.22 0.61
C ALA A 146 -16.83 -20.80 -0.66
N SER A 147 -17.93 -21.55 -0.56
CA SER A 147 -18.55 -22.14 -1.74
C SER A 147 -19.11 -21.07 -2.67
N GLY A 148 -19.61 -19.96 -2.12
CA GLY A 148 -20.19 -18.90 -2.92
C GLY A 148 -19.20 -17.93 -3.52
N TYR A 149 -17.91 -18.06 -3.21
CA TYR A 149 -16.91 -17.16 -3.75
C TYR A 149 -16.82 -17.19 -5.28
N PRO A 150 -16.82 -18.36 -5.95
CA PRO A 150 -16.73 -18.33 -7.42
C PRO A 150 -17.84 -17.55 -8.09
N ASP A 151 -19.07 -17.60 -7.55
CA ASP A 151 -20.17 -16.86 -8.13
C ASP A 151 -19.92 -15.35 -8.06
N VAL A 152 -19.49 -14.87 -6.90
CA VAL A 152 -19.23 -13.44 -6.73
C VAL A 152 -18.07 -13.00 -7.62
N ILE A 153 -17.04 -13.83 -7.72
CA ILE A 153 -15.91 -13.50 -8.58
C ILE A 153 -16.35 -13.43 -10.04
N ALA A 154 -17.22 -14.36 -10.45
CA ALA A 154 -17.74 -14.35 -11.81
C ALA A 154 -18.56 -13.09 -12.09
N ARG A 155 -19.40 -12.69 -11.14
CA ARG A 155 -20.19 -11.48 -11.32
C ARG A 155 -19.31 -10.25 -11.42
N ALA A 156 -18.27 -10.18 -10.59
CA ALA A 156 -17.34 -9.05 -10.67
C ALA A 156 -16.60 -9.02 -12.00
N LEU A 157 -16.17 -10.20 -12.48
CA LEU A 157 -15.52 -10.28 -13.78
C LEU A 157 -16.45 -9.84 -14.88
N ASP A 158 -17.72 -10.21 -14.79
CA ASP A 158 -18.72 -9.76 -15.76
C ASP A 158 -18.88 -8.25 -15.72
N GLN A 159 -18.85 -7.66 -14.52
CA GLN A 159 -18.92 -6.21 -14.41
C GLN A 159 -17.75 -5.54 -15.11
N LEU A 160 -16.54 -6.07 -14.90
CA LEU A 160 -15.37 -5.54 -15.61
C LEU A 160 -15.53 -5.66 -17.12
N ARG A 161 -15.96 -6.83 -17.60
CA ARG A 161 -16.08 -7.05 -19.03
C ARG A 161 -17.14 -6.13 -19.65
N VAL A 162 -18.27 -5.94 -18.97
CA VAL A 162 -19.30 -5.05 -19.47
C VAL A 162 -18.81 -3.61 -19.47
N ALA A 163 -18.08 -3.21 -18.43
CA ALA A 163 -17.45 -1.89 -18.43
C ALA A 163 -16.42 -1.74 -19.54
N GLY A 164 -15.93 -2.84 -20.09
CA GLY A 164 -15.02 -2.78 -21.22
C GLY A 164 -13.56 -2.81 -20.87
N VAL A 165 -13.22 -3.15 -19.64
CA VAL A 165 -11.84 -3.21 -19.20
C VAL A 165 -11.23 -4.54 -19.62
N ASN A 166 -9.97 -4.51 -20.01
CA ASN A 166 -9.24 -5.67 -20.49
C ASN A 166 -8.07 -5.95 -19.54
N GLY A 167 -7.20 -6.87 -19.95
CA GLY A 167 -5.99 -7.16 -19.23
C GLY A 167 -6.19 -8.18 -18.14
N PRO A 168 -5.11 -8.57 -17.48
CA PRO A 168 -5.21 -9.55 -16.39
C PRO A 168 -6.05 -9.02 -15.25
N TYR A 169 -6.76 -9.92 -14.58
CA TYR A 169 -7.64 -9.58 -13.48
C TYR A 169 -7.09 -10.20 -12.21
N HIS A 170 -6.87 -9.38 -11.18
CA HIS A 170 -6.34 -9.83 -9.91
C HIS A 170 -7.29 -9.44 -8.80
N LEU A 171 -7.39 -10.31 -7.78
CA LEU A 171 -8.18 -9.99 -6.60
C LEU A 171 -7.26 -9.90 -5.39
N VAL A 172 -7.51 -8.89 -4.57
CA VAL A 172 -6.85 -8.69 -3.28
C VAL A 172 -7.88 -8.95 -2.20
N LEU A 173 -7.55 -9.82 -1.25
CA LEU A 173 -8.47 -10.19 -0.18
C LEU A 173 -7.87 -9.80 1.16
N GLY A 174 -8.75 -9.43 2.09
CA GLY A 174 -8.33 -9.19 3.45
C GLY A 174 -7.92 -10.48 4.14
N GLU A 175 -7.51 -10.35 5.39
CA GLU A 175 -7.02 -11.52 6.12
C GLU A 175 -8.13 -12.56 6.31
N ASN A 176 -9.33 -12.11 6.71
CA ASN A 176 -10.42 -13.05 6.95
C ASN A 176 -10.85 -13.73 5.66
N ALA A 177 -11.03 -12.97 4.59
CA ALA A 177 -11.43 -13.55 3.32
C ALA A 177 -10.38 -14.52 2.78
N TYR A 178 -9.10 -14.14 2.91
CA TYR A 178 -8.02 -15.00 2.44
C TYR A 178 -7.99 -16.31 3.21
N THR A 179 -8.10 -16.24 4.54
CA THR A 179 -8.05 -17.47 5.32
C THR A 179 -9.29 -18.32 5.08
N LEU A 180 -10.45 -17.70 4.86
CA LEU A 180 -11.65 -18.48 4.56
C LEU A 180 -11.54 -19.17 3.22
N ILE A 181 -10.99 -18.49 2.20
CA ILE A 181 -10.91 -19.09 0.88
C ILE A 181 -9.79 -20.13 0.82
N THR A 182 -8.80 -20.03 1.71
CA THR A 182 -7.72 -21.01 1.71
C THR A 182 -7.97 -22.19 2.63
N SER A 183 -8.84 -22.05 3.64
CA SER A 183 -9.13 -23.16 4.53
C SER A 183 -9.79 -24.31 3.77
N GLY A 184 -10.69 -23.99 2.87
CA GLY A 184 -11.34 -24.99 2.03
C GLY A 184 -12.79 -25.20 2.42
N ASN A 185 -13.36 -26.28 1.90
CA ASN A 185 -14.75 -26.62 2.12
C ASN A 185 -14.84 -28.02 2.73
N GLU A 186 -15.94 -28.26 3.44
CA GLU A 186 -16.23 -29.55 4.03
C GLU A 186 -17.00 -30.47 3.09
N ASP A 187 -17.24 -30.04 1.86
CA ASP A 187 -17.94 -30.84 0.85
C ASP A 187 -17.00 -31.28 -0.26
N GLY A 188 -15.71 -30.99 -0.15
CA GLY A 188 -14.76 -31.40 -1.16
C GLY A 188 -14.84 -30.62 -2.45
N TYR A 189 -15.37 -29.40 -2.42
CA TYR A 189 -15.46 -28.59 -3.62
C TYR A 189 -14.13 -27.90 -3.90
N PRO A 190 -13.56 -28.04 -5.10
CA PRO A 190 -12.30 -27.34 -5.42
C PRO A 190 -12.52 -25.87 -5.76
N VAL A 191 -12.98 -25.12 -4.75
CA VAL A 191 -13.28 -23.71 -4.94
C VAL A 191 -12.01 -22.93 -5.27
N LEU A 192 -10.88 -23.29 -4.65
CA LEU A 192 -9.62 -22.61 -4.98
C LEU A 192 -9.22 -22.86 -6.43
N GLN A 193 -9.40 -24.10 -6.90
CA GLN A 193 -9.08 -24.40 -8.29
C GLN A 193 -9.98 -23.62 -9.25
N HIS A 194 -11.27 -23.53 -8.94
CA HIS A 194 -12.17 -22.74 -9.78
C HIS A 194 -11.78 -21.26 -9.77
N ILE A 195 -11.44 -20.73 -8.60
CA ILE A 195 -11.04 -19.33 -8.49
C ILE A 195 -9.79 -19.08 -9.33
N HIS A 196 -8.83 -20.00 -9.28
CA HIS A 196 -7.60 -19.82 -10.05
C HIS A 196 -7.83 -20.02 -11.54
N ARG A 197 -8.83 -20.80 -11.93
CA ARG A 197 -9.21 -20.84 -13.33
C ARG A 197 -9.80 -19.50 -13.77
N LEU A 198 -10.57 -18.85 -12.91
CA LEU A 198 -11.17 -17.56 -13.28
C LEU A 198 -10.15 -16.43 -13.30
N ILE A 199 -9.24 -16.38 -12.32
CA ILE A 199 -8.38 -15.22 -12.14
C ILE A 199 -7.08 -15.41 -12.93
N ASP A 200 -6.33 -14.31 -13.07
CA ASP A 200 -5.11 -14.28 -13.85
C ASP A 200 -3.86 -14.15 -12.98
N GLY A 201 -3.84 -14.83 -11.84
CA GLY A 201 -2.67 -14.81 -10.98
C GLY A 201 -2.88 -15.47 -9.64
N GLU A 202 -2.17 -14.99 -8.63
CA GLU A 202 -2.31 -15.48 -7.26
C GLU A 202 -3.06 -14.44 -6.43
N ILE A 203 -3.86 -14.93 -5.49
CA ILE A 203 -4.61 -14.02 -4.62
C ILE A 203 -3.62 -13.24 -3.76
N VAL A 204 -3.80 -11.93 -3.69
CA VAL A 204 -2.93 -11.05 -2.93
C VAL A 204 -3.48 -10.95 -1.50
N TRP A 205 -2.64 -11.23 -0.51
CA TRP A 205 -3.04 -11.15 0.89
C TRP A 205 -2.81 -9.74 1.39
N ALA A 206 -3.86 -9.10 1.89
CA ALA A 206 -3.79 -7.73 2.40
C ALA A 206 -4.27 -7.70 3.84
N PRO A 207 -3.36 -7.74 4.82
CA PRO A 207 -3.80 -7.70 6.23
C PRO A 207 -4.42 -6.38 6.65
N ALA A 208 -4.20 -5.30 5.89
CA ALA A 208 -4.62 -3.97 6.32
C ALA A 208 -6.05 -3.64 5.99
N ILE A 209 -6.67 -4.34 5.04
CA ILE A 209 -8.01 -4.00 4.57
C ILE A 209 -8.96 -5.14 4.90
N GLU A 210 -10.26 -4.83 4.83
CA GLU A 210 -11.32 -5.80 4.98
C GLU A 210 -11.99 -6.04 3.64
N GLY A 211 -12.75 -7.14 3.56
CA GLY A 211 -13.39 -7.49 2.31
C GLY A 211 -12.36 -7.79 1.24
N GLY A 212 -12.53 -7.18 0.08
CA GLY A 212 -11.60 -7.42 -1.01
C GLY A 212 -11.85 -6.48 -2.17
N VAL A 213 -11.13 -6.74 -3.25
CA VAL A 213 -11.23 -5.92 -4.45
C VAL A 213 -10.78 -6.76 -5.64
N LEU A 214 -11.46 -6.59 -6.77
CA LEU A 214 -11.06 -7.20 -8.04
C LEU A 214 -10.76 -6.08 -9.02
N LEU A 215 -9.58 -6.12 -9.62
CA LEU A 215 -9.13 -5.02 -10.46
C LEU A 215 -8.28 -5.54 -11.61
N SER A 216 -8.23 -4.74 -12.68
CA SER A 216 -7.43 -5.07 -13.84
C SER A 216 -6.04 -4.48 -13.71
N THR A 217 -5.03 -5.26 -14.08
CA THR A 217 -3.64 -4.84 -14.02
C THR A 217 -3.06 -4.59 -15.42
N ARG A 218 -3.88 -4.09 -16.33
CA ARG A 218 -3.40 -3.78 -17.68
C ARG A 218 -2.41 -2.62 -17.66
N GLY A 219 -2.52 -1.71 -16.70
CA GLY A 219 -1.62 -0.58 -16.58
C GLY A 219 -2.31 0.71 -16.96
N GLY A 220 -1.98 1.77 -16.24
CA GLY A 220 -2.52 3.09 -16.51
C GLY A 220 -3.80 3.43 -15.80
N ASP A 221 -4.20 2.65 -14.79
CA ASP A 221 -5.43 2.88 -14.06
C ASP A 221 -5.21 3.34 -12.62
N PHE A 222 -4.10 2.96 -12.01
CA PHE A 222 -3.80 3.31 -10.62
C PHE A 222 -2.33 3.71 -10.55
N ALA A 223 -2.07 4.98 -10.26
CA ALA A 223 -0.73 5.53 -10.28
C ALA A 223 -0.26 5.82 -8.86
N MET A 224 0.85 5.21 -8.46
CA MET A 224 1.52 5.50 -7.20
C MET A 224 2.82 6.22 -7.52
N ASP A 225 2.87 7.52 -7.25
CA ASP A 225 4.07 8.30 -7.45
C ASP A 225 4.86 8.33 -6.15
N ILE A 226 6.09 7.84 -6.19
CA ILE A 226 6.94 7.71 -5.02
C ILE A 226 8.05 8.75 -5.11
N GLY A 227 8.16 9.59 -4.08
CA GLY A 227 9.27 10.52 -4.00
C GLY A 227 10.41 9.93 -3.21
N GLN A 228 10.09 9.40 -2.03
CA GLN A 228 11.06 8.73 -1.18
C GLN A 228 10.47 7.39 -0.76
N ASP A 229 11.19 6.30 -1.06
CA ASP A 229 10.77 4.99 -0.61
C ASP A 229 11.02 4.85 0.89
N ILE A 230 10.50 3.77 1.47
CA ILE A 230 10.59 3.57 2.91
C ILE A 230 12.07 3.49 3.31
N SER A 231 12.48 4.37 4.22
CA SER A 231 13.86 4.47 4.65
C SER A 231 13.91 4.68 6.16
N ILE A 232 15.08 4.42 6.74
CA ILE A 232 15.29 4.48 8.17
C ILE A 232 16.10 5.73 8.50
N GLY A 233 15.59 6.54 9.42
CA GLY A 233 16.29 7.71 9.88
C GLY A 233 16.44 7.70 11.39
N TYR A 234 17.29 8.60 11.87
CA TYR A 234 17.65 8.67 13.28
C TYR A 234 17.13 9.97 13.89
N LEU A 235 16.59 9.89 15.11
CA LEU A 235 16.07 11.06 15.80
C LEU A 235 16.93 11.45 17.01
N SER A 236 17.12 10.53 17.96
CA SER A 236 17.85 10.83 19.18
C SER A 236 18.19 9.51 19.85
N HIS A 237 19.11 9.57 20.80
CA HIS A 237 19.51 8.39 21.55
C HIS A 237 19.74 8.76 23.01
N THR A 238 19.55 7.78 23.88
CA THR A 238 19.82 7.88 25.30
C THR A 238 20.98 6.94 25.64
N ALA A 239 21.36 6.90 26.92
CA ALA A 239 22.41 5.98 27.34
C ALA A 239 22.01 4.52 27.12
N THR A 240 20.72 4.23 27.02
CA THR A 240 20.25 2.86 26.89
C THR A 240 19.27 2.66 25.73
N HIS A 241 19.05 3.66 24.88
CA HIS A 241 18.08 3.52 23.81
C HIS A 241 18.48 4.39 22.64
N VAL A 242 18.00 4.01 21.45
CA VAL A 242 18.16 4.79 20.23
C VAL A 242 16.79 4.91 19.56
N GLU A 243 16.41 6.13 19.18
CA GLU A 243 15.14 6.38 18.52
C GLU A 243 15.37 6.51 17.02
N LEU A 244 14.72 5.65 16.25
CA LEU A 244 14.76 5.70 14.80
C LEU A 244 13.34 5.88 14.27
N TYR A 245 13.22 6.04 12.96
CA TYR A 245 11.91 6.16 12.34
C TYR A 245 11.96 5.56 10.94
N LEU A 246 10.79 5.10 10.49
CA LEU A 246 10.58 4.67 9.12
C LEU A 246 9.78 5.75 8.41
N GLN A 247 10.29 6.21 7.27
CA GLN A 247 9.69 7.32 6.55
C GLN A 247 9.51 6.99 5.08
N GLU A 248 8.37 7.40 4.54
CA GLU A 248 8.08 7.26 3.11
C GLU A 248 7.39 8.53 2.63
N SER A 249 7.42 8.72 1.31
CA SER A 249 6.84 9.92 0.70
C SER A 249 6.19 9.52 -0.62
N PHE A 250 4.89 9.74 -0.75
CA PHE A 250 4.19 9.25 -1.92
C PHE A 250 2.89 10.02 -2.14
N THR A 251 2.31 9.79 -3.31
CA THR A 251 0.94 10.19 -3.61
C THR A 251 0.32 9.12 -4.50
N PHE A 252 -1.01 9.03 -4.47
CA PHE A 252 -1.72 8.00 -5.22
C PHE A 252 -2.93 8.60 -5.93
N ARG A 253 -3.17 8.13 -7.15
CA ARG A 253 -4.31 8.58 -7.94
C ARG A 253 -4.97 7.40 -8.63
N THR A 254 -6.30 7.43 -8.65
CA THR A 254 -7.10 6.47 -9.40
C THR A 254 -7.59 7.14 -10.67
N LEU A 255 -7.04 6.75 -11.82
CA LEU A 255 -7.34 7.40 -13.08
C LEU A 255 -8.56 6.80 -13.76
N THR A 256 -8.69 5.48 -13.75
CA THR A 256 -9.84 4.79 -14.35
C THR A 256 -10.67 4.18 -13.22
N SER A 257 -11.89 4.68 -13.05
CA SER A 257 -12.78 4.19 -12.00
C SER A 257 -13.58 2.96 -12.41
N GLU A 258 -13.50 2.56 -13.68
CA GLU A 258 -14.34 1.40 -14.14
C GLU A 258 -13.49 0.13 -14.10
N ALA A 259 -12.19 0.24 -13.82
CA ALA A 259 -11.33 -0.92 -13.82
C ALA A 259 -11.22 -1.58 -12.45
N VAL A 260 -12.18 -1.33 -11.56
CA VAL A 260 -12.11 -1.83 -10.19
C VAL A 260 -13.52 -2.15 -9.71
N VAL A 261 -13.65 -3.29 -9.04
CA VAL A 261 -14.88 -3.68 -8.34
C VAL A 261 -14.51 -3.97 -6.90
N SER A 262 -15.25 -3.38 -5.96
CA SER A 262 -14.95 -3.50 -4.54
C SER A 262 -15.83 -4.58 -3.93
N LEU A 263 -15.20 -5.50 -3.19
CA LEU A 263 -15.89 -6.56 -2.48
C LEU A 263 -15.95 -6.20 -1.00
N LEU A 264 -17.13 -6.14 -0.48
CA LEU A 264 -17.50 -5.80 0.87
C LEU A 264 -17.46 -7.03 1.77
N PRO A 265 -17.03 -6.86 3.02
CA PRO A 265 -16.92 -8.01 3.93
C PRO A 265 -18.27 -8.65 4.19
N SER A 266 -18.24 -9.97 4.42
CA SER A 266 -19.47 -10.72 4.64
C SER A 266 -20.16 -10.28 5.93
N GLU A 267 -21.48 -10.30 5.90
CA GLU A 267 -22.28 -9.89 7.05
C GLU A 267 -22.92 -11.09 7.74
#